data_6FRY
#
_entry.id   6FRY
#
_cell.length_a   57.615
_cell.length_b   57.615
_cell.length_c   183.306
_cell.angle_alpha   90.00
_cell.angle_beta   90.00
_cell.angle_gamma   90.00
#
_symmetry.space_group_name_H-M   'I 41 2 2'
#
loop_
_entity.id
_entity.type
_entity.pdbx_description
1 polymer Streptavidin
2 non-polymer [CoBr(appy)-Biot]Br
3 water water
#
_entity_poly.entity_id   1
_entity_poly.type   'polypeptide(L)'
_entity_poly.pdbx_seq_one_letter_code
;MASMTGGQQMGRDEAGITGTWYNQLGSTFIVTAGADGALTGTYESAVGNAESRYVLTGRYDSAPATDGSGTALGWTVAWK
NNYRNAHSATTWSGQYVGGAEARINTQWLLTSGTTEANAWASTLVGHDTFTKVKPSAASIDAAKKAGVNNGNPLDAVQQ
;
_entity_poly.pdbx_strand_id   A
#
loop_
_chem_comp.id
_chem_comp.type
_chem_comp.name
_chem_comp.formula
9CO non-polymer [CoBr(appy)-Biot]Br 'C39 H40 Co N8 O4 S'
#
# COMPACT_ATOMS: atom_id res chain seq x y z
N MET A 10 -10.72 13.26 -12.68
CA MET A 10 -11.87 12.55 -13.26
C MET A 10 -12.10 11.20 -12.49
N GLY A 11 -11.07 10.58 -11.90
CA GLY A 11 -11.24 9.39 -11.02
C GLY A 11 -12.16 9.66 -9.81
N ARG A 12 -13.10 8.75 -9.50
CA ARG A 12 -14.14 9.06 -8.46
C ARG A 12 -13.58 9.39 -7.06
N ASP A 13 -12.56 8.65 -6.65
CA ASP A 13 -11.89 8.83 -5.37
C ASP A 13 -10.48 9.28 -5.57
N GLU A 14 -10.21 9.86 -6.76
CA GLU A 14 -8.86 10.39 -7.06
C GLU A 14 -8.44 11.34 -5.87
N ALA A 15 -9.39 12.22 -5.55
CA ALA A 15 -9.15 13.25 -4.52
C ALA A 15 -9.04 12.62 -3.10
N GLY A 16 -9.95 11.66 -2.82
CA GLY A 16 -10.04 11.00 -1.47
C GLY A 16 -8.78 10.17 -1.21
N ILE A 17 -8.25 9.53 -2.29
CA ILE A 17 -7.09 8.68 -2.11
C ILE A 17 -5.75 9.41 -2.02
N THR A 18 -5.55 10.41 -2.86
CA THR A 18 -4.30 11.11 -2.97
C THR A 18 -4.05 11.80 -1.63
N GLY A 19 -2.83 11.66 -1.14
CA GLY A 19 -2.36 12.26 0.08
C GLY A 19 -1.45 11.35 0.93
N THR A 20 -1.43 11.62 2.23
CA THR A 20 -0.60 10.96 3.19
C THR A 20 -1.51 10.14 4.11
N TRP A 21 -1.11 8.86 4.25
CA TRP A 21 -1.75 7.87 5.08
C TRP A 21 -0.78 7.24 6.05
N TYR A 22 -1.33 6.78 7.21
CA TYR A 22 -0.56 6.26 8.35
C TYR A 22 -1.22 4.96 8.79
N ASN A 23 -0.43 3.93 9.02
CA ASN A 23 -1.03 2.69 9.54
C ASN A 23 -0.78 2.48 11.01
N GLN A 24 -1.23 1.32 11.48
CA GLN A 24 -1.26 1.03 12.95
C GLN A 24 0.17 0.76 13.48
N LEU A 25 1.12 0.61 12.59
CA LEU A 25 2.52 0.39 12.99
C LEU A 25 3.24 1.70 13.01
N GLY A 26 2.59 2.78 12.54
CA GLY A 26 3.29 4.02 12.42
C GLY A 26 4.04 4.26 11.08
N SER A 27 3.78 3.40 10.10
CA SER A 27 4.28 3.62 8.77
C SER A 27 3.51 4.73 8.04
N THR A 28 4.15 5.31 7.07
CA THR A 28 3.65 6.44 6.26
C THR A 28 3.69 6.04 4.73
N PHE A 29 2.56 6.23 4.10
CA PHE A 29 2.26 5.91 2.66
C PHE A 29 1.79 7.31 2.11
N ILE A 30 2.52 7.80 1.10
CA ILE A 30 2.23 8.99 0.35
C ILE A 30 1.94 8.59 -1.05
N VAL A 31 0.76 8.98 -1.55
CA VAL A 31 0.28 8.49 -2.81
C VAL A 31 -0.43 9.56 -3.60
N THR A 32 -0.21 9.48 -4.91
CA THR A 32 -0.99 10.21 -5.87
C THR A 32 -1.80 9.26 -6.69
N ALA A 33 -3.14 9.51 -6.75
CA ALA A 33 -4.04 8.75 -7.62
C ALA A 33 -4.23 9.48 -8.92
N GLY A 34 -4.04 8.78 -10.06
CA GLY A 34 -4.21 9.34 -11.44
C GLY A 34 -5.66 9.14 -11.87
N ALA A 35 -6.16 9.92 -12.85
CA ALA A 35 -7.60 9.85 -13.23
C ALA A 35 -8.11 8.52 -13.78
N ASP A 36 -7.15 7.77 -14.34
CA ASP A 36 -7.26 6.55 -15.11
C ASP A 36 -7.16 5.27 -14.23
N GLY A 37 -6.55 5.36 -13.03
CA GLY A 37 -6.36 4.23 -12.18
C GLY A 37 -4.99 4.14 -11.60
N ALA A 38 -4.09 5.02 -11.99
CA ALA A 38 -2.65 4.85 -11.49
C ALA A 38 -2.54 5.20 -10.01
N LEU A 39 -1.64 4.54 -9.31
CA LEU A 39 -1.15 4.97 -7.99
C LEU A 39 0.37 5.02 -8.02
N THR A 40 0.90 6.10 -7.56
CA THR A 40 2.41 6.30 -7.47
C THR A 40 2.73 7.03 -6.20
N GLY A 41 3.90 6.72 -5.59
CA GLY A 41 4.15 7.30 -4.33
C GLY A 41 5.40 6.83 -3.72
N THR A 42 5.43 6.98 -2.41
CA THR A 42 6.54 6.44 -1.57
C THR A 42 5.97 5.85 -0.29
N TYR A 43 6.67 4.90 0.26
CA TYR A 43 6.33 4.22 1.47
C TYR A 43 7.55 4.25 2.42
N GLU A 44 7.28 4.49 3.70
CA GLU A 44 8.34 4.47 4.75
C GLU A 44 7.76 3.56 5.88
N SER A 45 8.43 2.44 6.12
CA SER A 45 7.98 1.48 7.11
C SER A 45 8.59 1.83 8.46
N ALA A 46 7.76 1.82 9.51
CA ALA A 46 8.23 1.99 10.88
C ALA A 46 8.86 0.72 11.44
N VAL A 47 8.72 -0.42 10.75
CA VAL A 47 9.28 -1.69 11.23
C VAL A 47 10.02 -2.41 10.14
N GLY A 48 10.80 -3.41 10.57
CA GLY A 48 11.48 -4.31 9.66
C GLY A 48 12.77 -3.74 9.11
N ASN A 49 13.26 -4.39 8.05
CA ASN A 49 14.54 -4.11 7.45
C ASN A 49 14.35 -3.01 6.40
N ALA A 50 14.20 -1.79 6.89
CA ALA A 50 13.74 -0.68 6.09
C ALA A 50 14.24 0.61 6.67
N GLU A 51 14.66 1.53 5.82
CA GLU A 51 15.05 2.88 6.25
C GLU A 51 14.67 3.83 5.17
N SER A 52 14.09 4.95 5.56
CA SER A 52 13.72 5.99 4.61
C SER A 52 12.57 5.54 3.67
N ARG A 53 12.48 6.22 2.52
CA ARG A 53 11.37 6.03 1.59
C ARG A 53 11.74 5.02 0.51
N TYR A 54 10.72 4.33 0.02
CA TYR A 54 10.81 3.36 -1.00
C TYR A 54 9.71 3.68 -2.02
N VAL A 55 10.03 3.42 -3.28
CA VAL A 55 9.08 3.64 -4.36
C VAL A 55 7.92 2.70 -4.28
N LEU A 56 6.74 3.22 -4.56
CA LEU A 56 5.55 2.39 -4.69
C LEU A 56 4.77 2.70 -5.91
N THR A 57 4.17 1.67 -6.46
CA THR A 57 3.28 1.82 -7.56
C THR A 57 2.05 0.94 -7.38
N GLY A 58 0.91 1.30 -8.00
CA GLY A 58 -0.25 0.40 -7.89
C GLY A 58 -1.36 0.84 -8.79
N ARG A 59 -2.54 0.37 -8.50
CA ARG A 59 -3.74 0.62 -9.36
C ARG A 59 -4.99 0.67 -8.41
N TYR A 60 -5.98 1.46 -8.82
CA TYR A 60 -7.24 1.53 -8.08
C TYR A 60 -8.34 1.58 -9.15
N ASP A 61 -9.53 1.21 -8.74
CA ASP A 61 -10.73 1.26 -9.54
C ASP A 61 -11.23 2.74 -9.57
N SER A 62 -11.04 3.39 -10.72
CA SER A 62 -11.39 4.82 -10.88
C SER A 62 -12.89 5.04 -11.11
N ALA A 63 -13.70 3.98 -11.16
CA ALA A 63 -15.13 4.20 -11.34
C ALA A 63 -15.87 3.13 -10.47
N PRO A 64 -15.75 3.27 -9.13
CA PRO A 64 -16.37 2.31 -8.19
C PRO A 64 -17.89 2.31 -8.24
N ALA A 65 -18.45 1.32 -7.60
CA ALA A 65 -19.92 1.13 -7.54
C ALA A 65 -20.47 2.34 -6.72
N THR A 66 -21.72 2.74 -6.95
CA THR A 66 -22.22 3.95 -6.29
C THR A 66 -23.18 3.58 -5.16
N ASP A 67 -23.08 2.35 -4.68
CA ASP A 67 -24.02 1.83 -3.69
C ASP A 67 -23.48 1.77 -2.27
N GLY A 68 -22.47 2.56 -1.98
CA GLY A 68 -21.90 2.55 -0.68
C GLY A 68 -20.75 1.56 -0.58
N SER A 69 -20.39 0.88 -1.68
CA SER A 69 -19.23 0.03 -1.65
C SER A 69 -17.92 0.79 -1.62
N GLY A 70 -16.91 0.19 -1.04
CA GLY A 70 -15.60 0.73 -1.08
C GLY A 70 -15.00 0.67 -2.47
N THR A 71 -13.75 1.14 -2.55
CA THR A 71 -13.01 1.30 -3.85
C THR A 71 -11.74 0.38 -3.82
N ALA A 72 -11.74 -0.68 -4.63
CA ALA A 72 -10.68 -1.63 -4.62
C ALA A 72 -9.38 -1.01 -5.16
N LEU A 73 -8.28 -1.42 -4.53
CA LEU A 73 -6.98 -0.94 -4.92
C LEU A 73 -5.90 -1.86 -4.42
N GLY A 74 -4.72 -1.68 -5.01
CA GLY A 74 -3.52 -2.31 -4.51
C GLY A 74 -2.30 -1.63 -4.90
N TRP A 75 -1.21 -1.98 -4.19
CA TRP A 75 0.08 -1.45 -4.55
C TRP A 75 1.22 -2.33 -4.06
N THR A 76 2.41 -2.09 -4.62
CA THR A 76 3.63 -2.81 -4.35
C THR A 76 4.77 -1.96 -3.99
N VAL A 77 5.56 -2.43 -3.01
CA VAL A 77 6.86 -1.91 -2.66
C VAL A 77 7.87 -2.99 -2.73
N ALA A 78 8.94 -2.77 -3.50
CA ALA A 78 10.10 -3.64 -3.39
C ALA A 78 11.10 -2.92 -2.47
N TRP A 79 11.60 -3.62 -1.49
CA TRP A 79 12.39 -3.08 -0.37
C TRP A 79 13.82 -2.87 -0.65
N LYS A 80 14.02 -2.21 -1.76
CA LYS A 80 15.35 -1.73 -2.15
C LYS A 80 15.27 -0.24 -2.40
N ASN A 81 16.21 0.50 -1.81
CA ASN A 81 16.39 1.94 -2.12
C ASN A 81 17.82 2.24 -1.96
N ASN A 82 18.23 3.47 -1.82
CA ASN A 82 19.71 3.75 -1.83
C ASN A 82 20.40 3.35 -0.55
N TYR A 83 19.63 3.06 0.44
CA TYR A 83 20.12 2.74 1.77
C TYR A 83 20.22 1.30 2.11
N ARG A 84 19.24 0.53 1.68
CA ARG A 84 19.12 -0.90 2.08
C ARG A 84 18.49 -1.73 0.99
N ASN A 85 18.75 -3.04 1.06
CA ASN A 85 18.07 -3.94 0.19
C ASN A 85 17.71 -5.17 1.01
N ALA A 86 16.42 -5.27 1.28
CA ALA A 86 15.84 -6.36 2.09
C ALA A 86 15.41 -7.60 1.27
N HIS A 87 15.78 -7.62 0.00
CA HIS A 87 15.47 -8.72 -0.95
C HIS A 87 14.07 -9.25 -0.79
N SER A 88 13.12 -8.30 -0.84
CA SER A 88 11.75 -8.60 -0.60
C SER A 88 10.83 -7.61 -1.17
N ALA A 89 9.57 -7.97 -1.30
CA ALA A 89 8.53 -7.05 -1.82
C ALA A 89 7.21 -7.30 -1.09
N THR A 90 6.52 -6.22 -0.71
CA THR A 90 5.19 -6.34 -0.19
C THR A 90 4.18 -5.82 -1.20
N THR A 91 3.04 -6.49 -1.29
CA THR A 91 1.87 -6.04 -2.02
C THR A 91 0.74 -5.93 -1.01
N TRP A 92 0.05 -4.79 -1.05
CA TRP A 92 -1.14 -4.53 -0.27
C TRP A 92 -2.33 -4.57 -1.23
N SER A 93 -3.37 -5.29 -0.83
CA SER A 93 -4.67 -5.37 -1.60
C SER A 93 -5.71 -4.97 -0.63
N GLY A 94 -6.62 -4.11 -1.07
CA GLY A 94 -7.59 -3.61 -0.19
C GLY A 94 -8.69 -2.79 -0.78
N GLN A 95 -9.35 -2.03 0.09
CA GLN A 95 -10.35 -1.11 -0.31
C GLN A 95 -10.27 0.21 0.46
N TYR A 96 -10.49 1.31 -0.25
CA TYR A 96 -10.62 2.65 0.31
C TYR A 96 -12.10 2.86 0.62
N VAL A 97 -12.33 3.40 1.82
CA VAL A 97 -13.64 3.80 2.26
C VAL A 97 -13.54 5.27 2.60
N GLY A 98 -14.42 6.08 1.99
CA GLY A 98 -14.38 7.57 2.15
C GLY A 98 -15.17 8.08 3.38
N GLY A 99 -15.24 9.40 3.62
CA GLY A 99 -16.13 9.94 4.72
C GLY A 99 -15.24 10.48 5.82
N ALA A 100 -15.83 10.83 6.97
CA ALA A 100 -15.10 11.65 7.97
C ALA A 100 -13.92 10.94 8.65
N GLU A 101 -14.07 9.60 8.71
CA GLU A 101 -13.07 8.66 9.18
C GLU A 101 -12.71 7.76 7.97
N ALA A 102 -12.17 8.38 6.92
CA ALA A 102 -11.72 7.62 5.75
C ALA A 102 -10.61 6.66 6.14
N ARG A 103 -10.65 5.47 5.48
CA ARG A 103 -9.74 4.37 5.78
C ARG A 103 -9.39 3.70 4.51
N ILE A 104 -8.15 3.19 4.51
CA ILE A 104 -7.80 2.12 3.55
C ILE A 104 -7.52 0.82 4.31
N ASN A 105 -8.36 -0.13 4.11
CA ASN A 105 -8.30 -1.47 4.82
C ASN A 105 -7.64 -2.44 3.86
N THR A 106 -6.46 -2.96 4.26
CA THR A 106 -5.69 -3.86 3.47
C THR A 106 -5.37 -5.20 4.16
N GLN A 107 -5.06 -6.16 3.28
CA GLN A 107 -4.25 -7.31 3.58
C GLN A 107 -3.02 -7.27 2.67
N TRP A 108 -1.93 -7.83 3.18
CA TRP A 108 -0.67 -7.78 2.47
C TRP A 108 0.08 -9.12 2.44
N LEU A 109 0.89 -9.30 1.38
CA LEU A 109 1.73 -10.41 1.21
C LEU A 109 3.13 -9.85 1.06
N LEU A 110 4.04 -10.33 1.91
CA LEU A 110 5.47 -9.96 1.89
C LEU A 110 6.35 -11.20 1.50
N THR A 111 6.83 -11.21 0.24
CA THR A 111 7.67 -12.37 -0.29
C THR A 111 9.11 -11.98 -0.23
N SER A 112 9.92 -12.85 0.31
CA SER A 112 11.38 -12.68 0.28
C SER A 112 11.94 -13.56 -0.83
N GLY A 113 13.00 -13.10 -1.46
CA GLY A 113 13.82 -14.01 -2.26
C GLY A 113 14.47 -15.07 -1.41
N THR A 114 14.29 -16.32 -1.83
CA THR A 114 14.78 -17.49 -1.07
C THR A 114 15.40 -18.51 -2.02
N THR A 115 16.14 -19.49 -1.46
CA THR A 115 16.50 -20.71 -2.18
C THR A 115 15.25 -21.57 -2.41
N GLU A 116 15.30 -22.50 -3.37
CA GLU A 116 14.09 -23.33 -3.68
C GLU A 116 13.78 -24.18 -2.44
N ALA A 117 14.81 -24.60 -1.70
CA ALA A 117 14.66 -25.34 -0.43
C ALA A 117 13.81 -24.60 0.58
N ASN A 118 13.98 -23.28 0.70
CA ASN A 118 13.32 -22.46 1.71
C ASN A 118 12.10 -21.76 1.15
N ALA A 119 11.73 -22.03 -0.06
CA ALA A 119 10.62 -21.30 -0.69
C ALA A 119 9.29 -21.45 0.01
N TRP A 120 9.08 -22.61 0.61
CA TRP A 120 7.85 -22.85 1.37
C TRP A 120 7.61 -21.76 2.40
N ALA A 121 8.69 -21.20 2.98
CA ALA A 121 8.64 -20.25 4.06
C ALA A 121 8.90 -18.81 3.55
N SER A 122 8.73 -18.56 2.25
CA SER A 122 9.08 -17.26 1.61
C SER A 122 8.13 -16.12 1.88
N THR A 123 6.90 -16.37 2.27
CA THR A 123 5.84 -15.34 2.24
C THR A 123 5.14 -15.15 3.61
N LEU A 124 5.19 -13.89 4.09
CA LEU A 124 4.48 -13.44 5.31
C LEU A 124 3.17 -12.83 4.87
N VAL A 125 2.15 -12.95 5.74
CA VAL A 125 0.87 -12.34 5.45
C VAL A 125 0.44 -11.53 6.71
N GLY A 126 -0.17 -10.39 6.41
CA GLY A 126 -0.68 -9.50 7.43
C GLY A 126 -1.80 -8.59 6.97
N HIS A 127 -2.12 -7.64 7.86
CA HIS A 127 -3.22 -6.70 7.55
C HIS A 127 -2.89 -5.37 8.13
N ASP A 128 -3.00 -4.35 7.34
CA ASP A 128 -2.75 -2.95 7.72
C ASP A 128 -4.01 -2.14 7.50
N THR A 129 -4.30 -1.26 8.47
CA THR A 129 -5.34 -0.22 8.30
C THR A 129 -4.71 1.15 8.35
N PHE A 130 -4.93 1.84 7.26
CA PHE A 130 -4.48 3.26 7.03
C PHE A 130 -5.55 4.28 7.25
N THR A 131 -5.12 5.33 7.91
CA THR A 131 -6.00 6.47 8.19
C THR A 131 -5.25 7.74 7.78
N LYS A 132 -6.05 8.80 7.59
CA LYS A 132 -5.49 10.15 7.33
C LYS A 132 -4.89 10.84 8.58
N VAL A 133 -5.21 10.41 9.81
CA VAL A 133 -4.56 10.93 11.01
C VAL A 133 -3.64 9.90 11.73
N LYS A 134 -2.69 10.41 12.56
CA LYS A 134 -1.89 9.65 13.53
C LYS A 134 -0.94 8.89 12.73
C10 9CO B . 11.47 -6.16 5.40
O2 9CO B . 11.62 -6.25 6.69
C9 9CO B . 11.20 -4.87 4.73
C8 9CO B . 10.11 -4.08 5.55
C7 9CO B . 8.77 -4.85 5.58
C6 9CO B . 7.81 -4.03 6.42
C4 9CO B . 6.34 -4.57 6.47
S1 9CO B . 5.44 -4.41 4.91
C5 9CO B . 3.92 -5.03 5.72
C2 9CO B . 3.93 -4.30 7.07
N1 9CO B . 3.28 -2.94 7.04
C1 9CO B . 4.24 -2.05 7.29
O1 9CO B . 4.02 -0.76 7.24
N2 9CO B . 5.50 -2.54 7.61
C3 9CO B . 5.40 -4.00 7.56
N3 9CO B . 11.57 -7.23 4.54
C11 9CO B . 11.63 -8.60 5.16
C12 9CO B . 13.08 -8.91 5.08
C13 9CO B . 13.34 -10.01 6.13
CO1 9CO B . 15.18 -14.99 6.25
C14 9CO B . 15.84 -13.74 3.32
C15 9CO B . 15.76 -12.84 2.31
C16 9CO B . 14.96 -11.77 2.46
C17 9CO B . 14.27 -11.67 3.62
C18 9CO B . 14.28 -12.54 4.72
C19 9CO B . 13.47 -12.34 5.92
C20 9CO B . 14.15 -12.40 7.22
C21 9CO B . 13.91 -11.47 8.15
C22 9CO B . 14.43 -11.58 9.38
C23 9CO B . 15.16 -12.63 9.73
C24 9CO B . 15.34 -13.59 8.86
C25 9CO B . 15.98 -14.72 9.14
C26 9CO B . 16.50 -14.97 10.35
C27 9CO B . 17.10 -16.12 10.69
C28 9CO B . 17.22 -17.08 9.80
C29 9CO B . 16.73 -16.84 8.58
C30 9CO B . 12.40 -13.37 5.84
C31 9CO B . 11.05 -13.21 5.64
C32 9CO B . 10.25 -14.33 5.53
C33 9CO B . 10.79 -15.55 5.54
C34 9CO B . 12.13 -15.76 5.74
C35 9CO B . 12.96 -16.99 5.69
C36 9CO B . 12.59 -18.16 5.26
C37 9CO B . 13.39 -19.23 5.13
C38 9CO B . 14.69 -19.16 5.30
C39 9CO B . 15.15 -17.98 5.61
N4 9CO B . 15.12 -13.59 4.49
N5 9CO B . 12.84 -14.66 5.88
N6 9CO B . 14.30 -16.96 5.74
N7 9CO B . 16.13 -15.68 8.25
N8 9CO B . 14.84 -13.43 7.66
O3 9CO B . 12.56 -11.19 5.81
O4 9CO B . 17.65 -15.10 5.91
#